data_1XTJ
#
_entry.id   1XTJ
#
_cell.length_a   36.988
_cell.length_b   78.201
_cell.length_c   63.192
_cell.angle_alpha   90.00
_cell.angle_beta   103.42
_cell.angle_gamma   90.00
#
_symmetry.space_group_name_H-M   'P 1 21 1'
#
loop_
_entity.id
_entity.type
_entity.pdbx_description
1 polymer 'Probable ATP-dependent RNA helicase p47'
2 non-polymer 'MAGNESIUM ION'
3 non-polymer "ADENOSINE-5'-DIPHOSPHATE"
4 non-polymer 'ACETIC ACID'
5 water water
#
_entity_poly.entity_id   1
_entity_poly.type   'polypeptide(L)'
_entity_poly.pdbx_seq_one_letter_code
;GSPGHMSSGFRDFLLKPELLRAIVDCGFEHPSEVQHECIPQAILGMDVLCQAKSGMGKTAVFVLATLQQLEPVTGQVSVL
VMCHTRELAFQISKEYERFSKYMPNVKVAVFFGGLSIKKDEEVLKKNCPHIVVGTPGRILALARNKSLNLKHIKHFILDE
CDKMLEQLDMRRDVQEIFRMTPHEKQVMMFSATLSKEIRPVCRKFMQDPMEIFVDDETKLTLHGLQQYYVKLKDNEKNRK
LFDLLDVLEFNQVVIFVKSVQRCIALAQLLVEQNFPAIAIHRGMPQEERLSRYQQFKDFQRRILVATNLFGRGMDIERVN
IAFNYDMPEDSDTYLHRVARAGRFGTKGLAITFVSDENDAKILNDVQDRFEVNISELPDEIDISSY
;
_entity_poly.pdbx_strand_id   A
#
# COMPACT_ATOMS: atom_id res chain seq x y z
N SER A 8 5.54 2.32 20.61
CA SER A 8 4.42 2.42 19.64
C SER A 8 3.05 2.51 20.33
N GLY A 9 2.04 2.94 19.58
CA GLY A 9 0.69 3.06 20.11
C GLY A 9 -0.06 1.75 19.92
N PHE A 10 0.66 0.74 19.45
CA PHE A 10 0.11 -0.59 19.23
C PHE A 10 0.12 -1.35 20.55
N ARG A 11 0.83 -0.79 21.52
CA ARG A 11 0.93 -1.38 22.85
C ARG A 11 -0.45 -1.37 23.50
N ASP A 12 -1.19 -0.28 23.28
CA ASP A 12 -2.53 -0.12 23.84
C ASP A 12 -3.47 -1.15 23.25
N PHE A 13 -2.90 -2.02 22.43
CA PHE A 13 -3.64 -3.09 21.76
C PHE A 13 -3.24 -4.40 22.41
N LEU A 14 -2.12 -4.35 23.15
CA LEU A 14 -1.60 -5.51 23.84
C LEU A 14 -1.52 -6.71 22.91
N LEU A 15 -0.57 -6.68 21.99
CA LEU A 15 -0.39 -7.79 21.06
C LEU A 15 0.71 -8.67 21.60
N LYS A 16 0.75 -9.92 21.14
CA LYS A 16 1.80 -10.83 21.58
C LYS A 16 3.11 -10.11 21.34
N PRO A 17 4.07 -10.28 22.26
CA PRO A 17 5.37 -9.60 22.07
C PRO A 17 6.03 -9.98 20.74
N GLU A 18 5.88 -11.22 20.32
CA GLU A 18 6.47 -11.69 19.06
C GLU A 18 5.89 -10.89 17.90
N LEU A 19 4.71 -10.32 18.13
CA LEU A 19 4.02 -9.53 17.12
C LEU A 19 4.47 -8.07 17.15
N LEU A 20 4.49 -7.46 18.33
CA LEU A 20 4.93 -6.07 18.46
C LEU A 20 6.32 -5.88 17.88
N ARG A 21 7.14 -6.94 17.93
CA ARG A 21 8.49 -6.88 17.39
C ARG A 21 8.44 -6.67 15.88
N ALA A 22 7.62 -7.47 15.21
CA ALA A 22 7.47 -7.34 13.78
C ALA A 22 7.00 -5.92 13.41
N ILE A 23 6.19 -5.32 14.29
CA ILE A 23 5.66 -3.97 14.07
C ILE A 23 6.74 -2.88 14.02
N VAL A 24 7.83 -3.08 14.75
CA VAL A 24 8.91 -2.11 14.77
C VAL A 24 9.78 -2.30 13.55
N ASP A 25 9.97 -3.55 13.16
CA ASP A 25 10.79 -3.86 11.98
C ASP A 25 10.11 -3.39 10.71
N CYS A 26 8.79 -3.21 10.77
CA CYS A 26 8.06 -2.75 9.61
C CYS A 26 8.03 -1.22 9.57
N GLY A 27 8.68 -0.60 10.55
CA GLY A 27 8.73 0.85 10.57
C GLY A 27 7.45 1.53 11.00
N PHE A 28 6.52 0.78 11.56
CA PHE A 28 5.28 1.40 12.01
C PHE A 28 5.57 1.99 13.39
N GLU A 29 5.26 3.26 13.56
CA GLU A 29 5.49 3.91 14.83
C GLU A 29 4.17 4.06 15.55
N HIS A 30 3.16 4.50 14.81
CA HIS A 30 1.83 4.71 15.37
C HIS A 30 0.70 4.15 14.49
N PRO A 31 -0.38 3.68 15.12
CA PRO A 31 -1.54 3.12 14.44
C PRO A 31 -2.35 4.18 13.71
N SER A 32 -2.99 3.80 12.61
CA SER A 32 -3.82 4.75 11.87
C SER A 32 -5.24 4.73 12.46
N GLU A 33 -6.04 5.73 12.11
CA GLU A 33 -7.40 5.80 12.62
C GLU A 33 -8.20 4.49 12.47
N VAL A 34 -8.12 3.84 11.31
CA VAL A 34 -8.85 2.59 11.12
C VAL A 34 -8.23 1.48 11.96
N GLN A 35 -7.00 1.69 12.41
CA GLN A 35 -6.35 0.70 13.24
C GLN A 35 -6.83 0.84 14.69
N HIS A 36 -7.13 2.07 15.10
CA HIS A 36 -7.62 2.36 16.44
C HIS A 36 -9.11 2.01 16.48
N GLU A 37 -9.72 2.17 15.31
CA GLU A 37 -11.14 1.95 15.09
C GLU A 37 -11.62 0.51 14.88
N CYS A 38 -10.81 -0.31 14.23
CA CYS A 38 -11.24 -1.67 13.96
C CYS A 38 -10.46 -2.77 14.68
N ILE A 39 -9.22 -2.47 15.08
CA ILE A 39 -8.38 -3.45 15.77
C ILE A 39 -8.85 -3.96 17.14
N PRO A 40 -9.32 -3.09 18.03
CA PRO A 40 -9.74 -3.67 19.31
C PRO A 40 -10.85 -4.73 19.18
N GLN A 41 -11.83 -4.50 18.30
CA GLN A 41 -12.93 -5.44 18.10
C GLN A 41 -12.48 -6.69 17.36
N ALA A 42 -11.59 -6.53 16.39
CA ALA A 42 -11.09 -7.65 15.58
C ALA A 42 -10.39 -8.70 16.43
N ILE A 43 -9.64 -8.21 17.42
CA ILE A 43 -8.87 -9.05 18.32
C ILE A 43 -9.75 -9.80 19.32
N LEU A 44 -10.90 -9.24 19.64
CA LEU A 44 -11.79 -9.90 20.58
C LEU A 44 -12.67 -10.95 19.88
N GLY A 45 -12.50 -11.09 18.57
CA GLY A 45 -13.26 -12.08 17.83
C GLY A 45 -14.62 -11.68 17.26
N MET A 46 -14.92 -10.40 17.25
CA MET A 46 -16.19 -9.94 16.72
C MET A 46 -16.21 -9.91 15.21
N ASP A 47 -17.40 -9.95 14.64
CA ASP A 47 -17.54 -9.87 13.20
C ASP A 47 -17.45 -8.36 12.95
N VAL A 48 -16.66 -7.96 11.96
CA VAL A 48 -16.48 -6.54 11.67
C VAL A 48 -16.64 -6.16 10.20
N LEU A 49 -17.16 -4.96 9.98
CA LEU A 49 -17.29 -4.41 8.63
C LEU A 49 -16.59 -3.09 8.71
N CYS A 50 -15.30 -3.11 8.39
CA CYS A 50 -14.46 -1.93 8.45
C CYS A 50 -14.38 -1.35 7.04
N GLN A 51 -14.93 -0.15 6.89
CA GLN A 51 -14.93 0.54 5.60
C GLN A 51 -14.14 1.82 5.72
N ALA A 52 -13.26 2.07 4.74
CA ALA A 52 -12.44 3.27 4.74
C ALA A 52 -11.71 3.43 3.41
N LYS A 53 -11.58 4.67 2.95
CA LYS A 53 -10.91 4.99 1.70
C LYS A 53 -9.56 4.25 1.57
N SER A 54 -9.14 3.98 0.34
CA SER A 54 -7.90 3.26 0.07
C SER A 54 -6.64 3.84 0.76
N GLY A 55 -5.67 2.96 1.00
CA GLY A 55 -4.43 3.37 1.65
C GLY A 55 -4.59 3.80 3.09
N MET A 56 -5.82 3.70 3.58
CA MET A 56 -6.14 4.10 4.95
C MET A 56 -5.55 3.22 6.05
N GLY A 57 -5.11 2.02 5.68
CA GLY A 57 -4.49 1.08 6.63
C GLY A 57 -5.31 -0.14 7.05
N LYS A 58 -6.14 -0.66 6.15
CA LYS A 58 -6.99 -1.78 6.49
C LYS A 58 -6.37 -3.18 6.59
N THR A 59 -5.54 -3.58 5.62
CA THR A 59 -4.96 -4.93 5.65
C THR A 59 -4.26 -5.23 6.99
N ALA A 60 -3.50 -4.27 7.49
CA ALA A 60 -2.83 -4.45 8.76
C ALA A 60 -3.83 -4.94 9.81
N VAL A 61 -5.03 -4.36 9.81
CA VAL A 61 -6.05 -4.73 10.78
C VAL A 61 -6.38 -6.22 10.81
N PHE A 62 -6.68 -6.82 9.66
CA PHE A 62 -7.00 -8.23 9.74
C PHE A 62 -5.78 -9.12 9.88
N VAL A 63 -4.62 -8.62 9.46
CA VAL A 63 -3.40 -9.41 9.56
C VAL A 63 -2.93 -9.54 11.00
N LEU A 64 -2.94 -8.44 11.74
CA LEU A 64 -2.51 -8.48 13.13
C LEU A 64 -3.56 -9.19 13.99
N ALA A 65 -4.81 -8.76 13.85
CA ALA A 65 -5.90 -9.37 14.59
C ALA A 65 -5.95 -10.90 14.47
N THR A 66 -5.72 -11.44 13.28
CA THR A 66 -5.79 -12.90 13.12
C THR A 66 -4.53 -13.56 13.64
N LEU A 67 -3.39 -12.94 13.35
CA LEU A 67 -2.10 -13.45 13.81
C LEU A 67 -2.13 -13.51 15.32
N GLN A 68 -2.93 -12.62 15.89
CA GLN A 68 -3.08 -12.46 17.33
C GLN A 68 -3.96 -13.52 17.98
N GLN A 69 -5.06 -13.88 17.31
CA GLN A 69 -5.97 -14.88 17.85
C GLN A 69 -5.52 -16.28 17.46
N LEU A 70 -4.93 -16.38 16.27
CA LEU A 70 -4.45 -17.65 15.73
C LEU A 70 -3.84 -18.60 16.76
N GLU A 71 -4.37 -19.81 16.79
CA GLU A 71 -3.88 -20.85 17.67
C GLU A 71 -3.60 -22.04 16.73
N PRO A 72 -2.35 -22.14 16.25
CA PRO A 72 -1.89 -23.18 15.32
C PRO A 72 -2.17 -24.64 15.68
N VAL A 73 -2.57 -25.41 14.68
CA VAL A 73 -2.87 -26.82 14.84
C VAL A 73 -2.37 -27.49 13.56
N THR A 74 -1.30 -28.27 13.68
CA THR A 74 -0.73 -28.95 12.51
C THR A 74 -1.82 -29.70 11.75
N GLY A 75 -1.85 -29.49 10.44
CA GLY A 75 -2.85 -30.15 9.61
C GLY A 75 -4.20 -29.44 9.57
N GLN A 76 -4.28 -28.23 10.12
CA GLN A 76 -5.53 -27.49 10.13
C GLN A 76 -5.39 -26.06 9.60
N VAL A 77 -6.35 -25.64 8.78
CA VAL A 77 -6.32 -24.27 8.27
C VAL A 77 -7.33 -23.47 9.11
N SER A 78 -6.83 -22.50 9.87
CA SER A 78 -7.68 -21.68 10.73
C SER A 78 -8.06 -20.30 10.18
N VAL A 79 -7.30 -19.82 9.21
CA VAL A 79 -7.61 -18.50 8.67
C VAL A 79 -7.80 -18.55 7.16
N LEU A 80 -8.87 -17.91 6.70
CA LEU A 80 -9.13 -17.87 5.27
C LEU A 80 -9.28 -16.43 4.80
N VAL A 81 -8.35 -16.01 3.94
CA VAL A 81 -8.40 -14.65 3.42
C VAL A 81 -8.61 -14.64 1.93
N MET A 82 -9.55 -13.85 1.47
CA MET A 82 -9.80 -13.79 0.04
C MET A 82 -9.72 -12.38 -0.56
N CYS A 83 -9.18 -12.33 -1.79
CA CYS A 83 -8.99 -11.09 -2.53
C CYS A 83 -9.56 -11.23 -3.93
N HIS A 84 -9.90 -10.10 -4.57
CA HIS A 84 -10.42 -10.19 -5.92
C HIS A 84 -9.37 -10.32 -7.00
N THR A 85 -8.12 -9.94 -6.72
CA THR A 85 -7.09 -10.11 -7.75
C THR A 85 -5.91 -10.88 -7.16
N ARG A 86 -5.27 -11.70 -7.98
CA ARG A 86 -4.13 -12.47 -7.50
C ARG A 86 -2.98 -11.56 -7.11
N GLU A 87 -2.95 -10.36 -7.68
CA GLU A 87 -1.89 -9.41 -7.35
C GLU A 87 -2.07 -8.99 -5.90
N LEU A 88 -3.31 -8.98 -5.46
CA LEU A 88 -3.63 -8.60 -4.09
C LEU A 88 -3.31 -9.71 -3.10
N ALA A 89 -3.73 -10.93 -3.41
CA ALA A 89 -3.48 -12.06 -2.55
C ALA A 89 -1.98 -12.20 -2.29
N PHE A 90 -1.19 -12.10 -3.35
CA PHE A 90 0.25 -12.23 -3.22
C PHE A 90 0.83 -11.25 -2.20
N GLN A 91 0.31 -10.03 -2.20
CA GLN A 91 0.80 -9.01 -1.27
C GLN A 91 0.32 -9.27 0.16
N ILE A 92 -0.90 -9.74 0.33
CA ILE A 92 -1.39 -10.01 1.68
C ILE A 92 -0.63 -11.19 2.25
N SER A 93 -0.21 -12.09 1.36
CA SER A 93 0.54 -13.26 1.75
C SER A 93 1.89 -12.80 2.28
N LYS A 94 2.40 -11.74 1.69
CA LYS A 94 3.70 -11.21 2.10
C LYS A 94 3.48 -10.43 3.37
N GLU A 95 2.29 -9.84 3.51
CA GLU A 95 1.96 -9.07 4.71
C GLU A 95 1.98 -10.02 5.89
N TYR A 96 1.34 -11.18 5.72
CA TYR A 96 1.32 -12.14 6.79
C TYR A 96 2.74 -12.60 7.13
N GLU A 97 3.56 -12.77 6.10
CA GLU A 97 4.95 -13.21 6.28
C GLU A 97 5.73 -12.23 7.13
N ARG A 98 5.61 -10.96 6.79
CA ARG A 98 6.32 -9.91 7.49
C ARG A 98 5.94 -9.76 8.96
N PHE A 99 4.68 -10.01 9.29
CA PHE A 99 4.24 -9.88 10.67
C PHE A 99 4.40 -11.16 11.48
N SER A 100 4.64 -12.28 10.81
CA SER A 100 4.81 -13.56 11.50
C SER A 100 6.29 -13.88 11.63
N LYS A 101 7.12 -12.94 11.19
CA LYS A 101 8.58 -13.05 11.22
C LYS A 101 9.14 -13.65 12.52
N TYR A 102 8.50 -13.37 13.65
CA TYR A 102 8.99 -13.90 14.91
C TYR A 102 8.09 -14.97 15.46
N MET A 103 7.32 -15.55 14.55
CA MET A 103 6.40 -16.62 14.88
C MET A 103 6.64 -17.71 13.84
N PRO A 104 7.83 -18.34 13.88
CA PRO A 104 8.16 -19.40 12.93
C PRO A 104 7.18 -20.58 12.87
N ASN A 105 6.42 -20.80 13.93
CA ASN A 105 5.47 -21.91 13.94
C ASN A 105 4.24 -21.62 13.08
N VAL A 106 4.00 -20.36 12.76
CA VAL A 106 2.87 -19.99 11.94
C VAL A 106 3.25 -20.11 10.46
N LYS A 107 2.43 -20.80 9.66
CA LYS A 107 2.69 -21.01 8.24
C LYS A 107 1.68 -20.33 7.32
N VAL A 108 2.14 -19.89 6.14
CA VAL A 108 1.23 -19.25 5.19
C VAL A 108 1.39 -19.77 3.77
N ALA A 109 0.38 -19.50 2.94
CA ALA A 109 0.41 -19.92 1.55
C ALA A 109 -0.68 -19.19 0.79
N VAL A 110 -0.41 -18.89 -0.49
CA VAL A 110 -1.36 -18.22 -1.37
C VAL A 110 -1.67 -19.15 -2.50
N PHE A 111 -2.90 -19.09 -2.99
CA PHE A 111 -3.35 -19.91 -4.11
C PHE A 111 -4.18 -19.05 -5.05
N PHE A 112 -3.78 -19.00 -6.31
CA PHE A 112 -4.53 -18.21 -7.27
C PHE A 112 -4.45 -18.86 -8.64
N GLY A 113 -5.36 -18.46 -9.52
CA GLY A 113 -5.37 -19.01 -10.86
C GLY A 113 -4.21 -18.46 -11.65
N GLY A 114 -3.84 -19.14 -12.72
CA GLY A 114 -2.71 -18.69 -13.52
C GLY A 114 -1.55 -19.63 -13.30
N LEU A 115 -1.69 -20.47 -12.28
CA LEU A 115 -0.68 -21.47 -11.93
C LEU A 115 -1.36 -22.82 -11.95
N SER A 116 -0.57 -23.88 -11.96
CA SER A 116 -1.14 -25.24 -11.95
C SER A 116 -1.81 -25.48 -10.59
N ILE A 117 -2.95 -26.14 -10.61
CA ILE A 117 -3.67 -26.42 -9.38
C ILE A 117 -3.00 -27.59 -8.66
N LYS A 118 -2.09 -28.26 -9.35
CA LYS A 118 -1.37 -29.39 -8.79
C LYS A 118 -0.27 -28.95 -7.83
N LYS A 119 0.19 -27.70 -7.98
CA LYS A 119 1.24 -27.17 -7.11
C LYS A 119 0.63 -26.76 -5.78
N ASP A 120 -0.60 -26.27 -5.83
CA ASP A 120 -1.29 -25.84 -4.62
C ASP A 120 -1.49 -27.07 -3.75
N GLU A 121 -1.96 -28.14 -4.38
CA GLU A 121 -2.21 -29.41 -3.70
C GLU A 121 -0.95 -30.00 -3.09
N GLU A 122 0.19 -29.72 -3.71
CA GLU A 122 1.49 -30.18 -3.23
C GLU A 122 1.81 -29.51 -1.91
N VAL A 123 1.56 -28.20 -1.86
CA VAL A 123 1.81 -27.41 -0.66
C VAL A 123 0.88 -27.91 0.45
N LEU A 124 -0.39 -28.09 0.11
CA LEU A 124 -1.38 -28.54 1.06
C LEU A 124 -1.08 -29.90 1.66
N LYS A 125 -0.47 -30.78 0.86
CA LYS A 125 -0.17 -32.13 1.33
C LYS A 125 1.16 -32.26 2.07
N LYS A 126 2.19 -31.61 1.53
CA LYS A 126 3.53 -31.67 2.09
C LYS A 126 3.74 -30.79 3.33
N ASN A 127 3.05 -29.66 3.38
CA ASN A 127 3.15 -28.75 4.50
C ASN A 127 1.92 -27.84 4.63
N CYS A 128 0.82 -28.43 5.12
CA CYS A 128 -0.44 -27.72 5.31
C CYS A 128 -0.20 -26.45 6.11
N PRO A 129 -0.65 -25.30 5.58
CA PRO A 129 -0.46 -24.03 6.29
C PRO A 129 -1.61 -23.79 7.26
N HIS A 130 -1.48 -22.77 8.09
CA HIS A 130 -2.50 -22.43 9.06
C HIS A 130 -3.34 -21.28 8.53
N ILE A 131 -2.75 -20.55 7.59
CA ILE A 131 -3.36 -19.39 7.00
C ILE A 131 -3.38 -19.56 5.51
N VAL A 132 -4.53 -19.33 4.90
CA VAL A 132 -4.64 -19.46 3.46
C VAL A 132 -5.14 -18.16 2.85
N VAL A 133 -4.43 -17.71 1.82
CA VAL A 133 -4.76 -16.49 1.11
C VAL A 133 -4.93 -16.85 -0.34
N GLY A 134 -5.84 -16.16 -1.04
CA GLY A 134 -6.02 -16.48 -2.43
C GLY A 134 -7.30 -15.95 -3.03
N THR A 135 -7.51 -16.30 -4.29
CA THR A 135 -8.68 -15.86 -5.03
C THR A 135 -9.84 -16.86 -4.86
N PRO A 136 -11.09 -16.35 -4.89
CA PRO A 136 -12.33 -17.15 -4.73
C PRO A 136 -12.46 -18.42 -5.58
N GLY A 137 -12.08 -18.35 -6.85
CA GLY A 137 -12.20 -19.51 -7.74
C GLY A 137 -11.22 -20.66 -7.50
N ARG A 138 -9.97 -20.34 -7.19
CA ARG A 138 -8.98 -21.38 -6.96
C ARG A 138 -9.28 -22.05 -5.62
N ILE A 139 -9.60 -21.25 -4.61
CA ILE A 139 -9.94 -21.76 -3.28
C ILE A 139 -11.08 -22.75 -3.48
N LEU A 140 -12.09 -22.28 -4.20
CA LEU A 140 -13.25 -23.10 -4.50
C LEU A 140 -12.85 -24.44 -5.09
N ALA A 141 -11.94 -24.40 -6.05
CA ALA A 141 -11.49 -25.62 -6.69
C ALA A 141 -10.84 -26.57 -5.67
N LEU A 142 -9.91 -26.05 -4.87
CA LEU A 142 -9.22 -26.86 -3.87
C LEU A 142 -10.20 -27.44 -2.85
N ALA A 143 -11.15 -26.62 -2.40
CA ALA A 143 -12.15 -27.08 -1.44
C ALA A 143 -12.95 -28.23 -2.07
N ARG A 144 -13.35 -28.09 -3.32
CA ARG A 144 -14.10 -29.16 -3.97
C ARG A 144 -13.19 -30.35 -4.32
N ASN A 145 -11.92 -30.12 -4.63
CA ASN A 145 -10.97 -31.23 -4.91
C ASN A 145 -11.04 -32.10 -3.66
N LYS A 146 -11.04 -31.40 -2.54
CA LYS A 146 -11.04 -31.94 -1.18
C LYS A 146 -9.64 -31.80 -0.57
N SER A 147 -8.75 -31.16 -1.33
CA SER A 147 -7.37 -30.93 -0.91
C SER A 147 -7.40 -29.93 0.23
N LEU A 148 -8.35 -29.02 0.12
CA LEU A 148 -8.52 -27.97 1.11
C LEU A 148 -9.75 -28.23 1.97
N ASN A 149 -9.50 -28.43 3.26
CA ASN A 149 -10.56 -28.69 4.22
C ASN A 149 -10.86 -27.40 4.95
N LEU A 150 -12.06 -26.88 4.71
CA LEU A 150 -12.49 -25.63 5.30
C LEU A 150 -13.37 -25.78 6.54
N LYS A 151 -13.45 -26.98 7.09
CA LYS A 151 -14.27 -27.19 8.27
C LYS A 151 -13.59 -26.81 9.58
N HIS A 152 -12.45 -26.12 9.47
CA HIS A 152 -11.72 -25.71 10.67
C HIS A 152 -11.39 -24.22 10.64
N ILE A 153 -11.96 -23.53 9.67
CA ILE A 153 -11.75 -22.10 9.53
C ILE A 153 -12.43 -21.42 10.71
N LYS A 154 -11.71 -20.52 11.35
CA LYS A 154 -12.26 -19.79 12.47
C LYS A 154 -12.28 -18.30 12.11
N HIS A 155 -11.52 -17.95 11.08
CA HIS A 155 -11.44 -16.56 10.62
C HIS A 155 -11.61 -16.52 9.12
N PHE A 156 -12.70 -15.90 8.69
CA PHE A 156 -13.08 -15.75 7.29
C PHE A 156 -13.04 -14.23 7.04
N ILE A 157 -12.09 -13.78 6.23
CA ILE A 157 -11.90 -12.36 5.92
C ILE A 157 -12.00 -12.09 4.41
N LEU A 158 -12.76 -11.07 4.04
CA LEU A 158 -12.91 -10.70 2.65
C LEU A 158 -12.29 -9.31 2.51
N ASP A 159 -11.32 -9.15 1.61
CA ASP A 159 -10.70 -7.84 1.41
C ASP A 159 -11.27 -7.21 0.13
N GLU A 160 -11.47 -5.89 0.17
CA GLU A 160 -12.02 -5.15 -0.95
C GLU A 160 -13.30 -5.85 -1.43
N CYS A 161 -14.12 -6.25 -0.47
CA CYS A 161 -15.38 -6.94 -0.70
C CYS A 161 -16.25 -6.32 -1.76
N ASP A 162 -16.29 -5.00 -1.78
CA ASP A 162 -17.08 -4.31 -2.77
C ASP A 162 -16.66 -4.91 -4.11
N LYS A 163 -15.44 -4.63 -4.53
CA LYS A 163 -14.92 -5.11 -5.79
C LYS A 163 -15.15 -6.62 -5.96
N MET A 164 -14.74 -7.39 -4.98
CA MET A 164 -14.91 -8.84 -5.01
C MET A 164 -16.37 -9.29 -5.19
N LEU A 165 -17.28 -8.68 -4.44
CA LEU A 165 -18.71 -9.01 -4.50
C LEU A 165 -19.47 -8.37 -5.66
N GLU A 166 -18.90 -7.32 -6.25
CA GLU A 166 -19.52 -6.63 -7.39
C GLU A 166 -19.18 -7.37 -8.68
N GLN A 167 -18.88 -8.66 -8.56
CA GLN A 167 -18.56 -9.47 -9.72
C GLN A 167 -19.36 -10.77 -9.57
N LEU A 168 -20.52 -10.79 -10.23
CA LEU A 168 -21.45 -11.90 -10.21
C LEU A 168 -20.89 -13.32 -10.06
N ASP A 169 -19.95 -13.70 -10.93
CA ASP A 169 -19.40 -15.04 -10.86
C ASP A 169 -18.57 -15.26 -9.59
N MET A 170 -17.68 -14.32 -9.29
CA MET A 170 -16.84 -14.42 -8.11
C MET A 170 -17.70 -14.35 -6.86
N ARG A 171 -18.72 -13.50 -6.89
CA ARG A 171 -19.64 -13.35 -5.77
C ARG A 171 -20.29 -14.69 -5.49
N ARG A 172 -20.54 -15.45 -6.54
CA ARG A 172 -21.17 -16.75 -6.38
C ARG A 172 -20.16 -17.73 -5.78
N ASP A 173 -18.87 -17.57 -6.07
CA ASP A 173 -17.89 -18.49 -5.50
C ASP A 173 -17.67 -18.20 -4.01
N VAL A 174 -17.72 -16.92 -3.63
CA VAL A 174 -17.52 -16.54 -2.24
C VAL A 174 -18.62 -17.11 -1.35
N GLN A 175 -19.83 -17.20 -1.88
CA GLN A 175 -20.93 -17.72 -1.09
C GLN A 175 -20.80 -19.21 -0.89
N GLU A 176 -20.48 -19.93 -1.96
CA GLU A 176 -20.33 -21.37 -1.87
C GLU A 176 -19.20 -21.67 -0.88
N ILE A 177 -18.05 -21.05 -1.06
CA ILE A 177 -16.96 -21.26 -0.14
C ILE A 177 -17.48 -21.04 1.28
N PHE A 178 -18.08 -19.88 1.53
CA PHE A 178 -18.62 -19.56 2.85
C PHE A 178 -19.43 -20.69 3.50
N ARG A 179 -20.20 -21.43 2.69
CA ARG A 179 -21.03 -22.51 3.21
C ARG A 179 -20.34 -23.78 3.64
N MET A 180 -19.10 -23.97 3.19
CA MET A 180 -18.34 -25.17 3.53
C MET A 180 -17.55 -24.94 4.82
N THR A 181 -17.62 -23.70 5.29
CA THR A 181 -16.93 -23.27 6.50
C THR A 181 -17.84 -23.39 7.72
N PRO A 182 -17.28 -23.53 8.94
CA PRO A 182 -18.14 -23.64 10.12
C PRO A 182 -19.09 -22.45 10.26
N HIS A 183 -20.15 -22.60 11.05
CA HIS A 183 -21.11 -21.53 11.25
C HIS A 183 -20.62 -20.53 12.31
N GLU A 184 -20.10 -21.06 13.43
CA GLU A 184 -19.58 -20.21 14.51
C GLU A 184 -18.13 -19.84 14.22
N LYS A 185 -17.92 -18.62 13.71
CA LYS A 185 -16.57 -18.15 13.40
C LYS A 185 -16.54 -16.66 13.23
N GLN A 186 -15.34 -16.09 13.23
CA GLN A 186 -15.18 -14.68 13.03
C GLN A 186 -15.14 -14.42 11.52
N VAL A 187 -15.87 -13.39 11.09
CA VAL A 187 -15.92 -12.97 9.70
C VAL A 187 -15.65 -11.49 9.71
N MET A 188 -14.81 -11.01 8.80
CA MET A 188 -14.49 -9.60 8.71
C MET A 188 -14.41 -9.18 7.24
N MET A 189 -14.91 -7.99 6.95
CA MET A 189 -14.89 -7.48 5.59
C MET A 189 -14.30 -6.09 5.63
N PHE A 190 -13.58 -5.75 4.56
CA PHE A 190 -12.93 -4.45 4.45
C PHE A 190 -13.24 -3.95 3.07
N SER A 191 -13.69 -2.70 2.98
CA SER A 191 -14.01 -2.12 1.68
C SER A 191 -13.67 -0.65 1.56
N ALA A 192 -13.42 -0.24 0.33
CA ALA A 192 -13.09 1.16 0.05
C ALA A 192 -14.38 1.97 0.08
N THR A 193 -15.47 1.34 -0.35
CA THR A 193 -16.76 1.99 -0.38
C THR A 193 -17.76 1.32 0.54
N LEU A 194 -18.94 1.90 0.61
CA LEU A 194 -20.03 1.37 1.43
C LEU A 194 -20.76 0.50 0.41
N SER A 195 -20.22 0.54 -0.81
CA SER A 195 -20.66 -0.19 -1.99
C SER A 195 -22.04 0.11 -2.56
N LYS A 196 -22.17 -0.17 -3.86
CA LYS A 196 -23.39 0.04 -4.63
C LYS A 196 -24.43 -1.01 -4.24
N GLU A 197 -24.87 -0.96 -2.98
CA GLU A 197 -25.86 -1.88 -2.45
C GLU A 197 -25.29 -3.30 -2.33
N ILE A 198 -24.35 -3.46 -1.40
CA ILE A 198 -23.70 -4.74 -1.15
C ILE A 198 -23.99 -5.20 0.28
N ARG A 199 -24.64 -4.32 1.04
CA ARG A 199 -24.99 -4.62 2.43
C ARG A 199 -25.82 -5.88 2.59
N PRO A 200 -26.75 -6.14 1.64
CA PRO A 200 -27.55 -7.35 1.78
C PRO A 200 -26.70 -8.62 1.70
N VAL A 201 -25.79 -8.68 0.71
CA VAL A 201 -24.92 -9.84 0.57
C VAL A 201 -24.12 -9.94 1.87
N CYS A 202 -23.83 -8.79 2.46
CA CYS A 202 -23.09 -8.74 3.70
C CYS A 202 -23.92 -9.24 4.89
N ARG A 203 -25.21 -8.90 4.93
CA ARG A 203 -26.06 -9.33 6.02
C ARG A 203 -26.28 -10.84 5.95
N LYS A 204 -25.64 -11.45 4.95
CA LYS A 204 -25.72 -12.89 4.74
C LYS A 204 -24.60 -13.63 5.46
N PHE A 205 -23.39 -13.06 5.44
CA PHE A 205 -22.23 -13.69 6.08
C PHE A 205 -22.10 -13.36 7.58
N MET A 206 -22.55 -12.18 7.98
CA MET A 206 -22.38 -11.78 9.37
C MET A 206 -23.59 -11.65 10.27
N GLN A 207 -23.50 -12.31 11.43
CA GLN A 207 -24.55 -12.28 12.43
C GLN A 207 -24.29 -10.99 13.23
N ASP A 208 -25.25 -10.06 13.17
CA ASP A 208 -25.14 -8.75 13.80
C ASP A 208 -23.69 -8.28 13.97
N PRO A 209 -23.07 -7.90 12.85
CA PRO A 209 -21.69 -7.41 12.74
C PRO A 209 -21.64 -5.96 13.15
N MET A 210 -20.43 -5.46 13.34
CA MET A 210 -20.25 -4.07 13.72
C MET A 210 -19.80 -3.26 12.51
N GLU A 211 -20.66 -2.35 12.05
CA GLU A 211 -20.33 -1.49 10.92
C GLU A 211 -19.44 -0.39 11.44
N ILE A 212 -18.35 -0.11 10.73
CA ILE A 212 -17.44 0.93 11.18
C ILE A 212 -16.99 1.77 10.01
N PHE A 213 -17.02 3.09 10.15
CA PHE A 213 -16.57 3.95 9.07
C PHE A 213 -15.64 5.07 9.50
N VAL A 214 -14.44 5.09 8.91
CA VAL A 214 -13.44 6.09 9.21
C VAL A 214 -13.32 7.04 8.01
N ASP A 215 -13.68 8.31 8.22
CA ASP A 215 -13.62 9.31 7.17
C ASP A 215 -12.19 9.56 6.71
N ASP A 216 -12.04 10.05 5.49
CA ASP A 216 -10.73 10.33 4.91
C ASP A 216 -9.86 11.18 5.84
N GLU A 217 -8.69 10.65 6.21
CA GLU A 217 -7.78 11.36 7.12
C GLU A 217 -6.75 12.25 6.42
N THR A 218 -6.86 13.55 6.69
CA THR A 218 -5.96 14.59 6.17
C THR A 218 -6.10 14.88 4.67
N LYS A 219 -6.88 15.92 4.35
CA LYS A 219 -7.10 16.35 2.98
C LYS A 219 -5.87 17.12 2.47
N LEU A 220 -5.04 16.47 1.67
CA LEU A 220 -3.84 17.11 1.14
C LEU A 220 -4.14 18.38 0.32
N THR A 221 -3.42 19.47 0.63
CA THR A 221 -3.61 20.74 -0.08
C THR A 221 -2.33 21.27 -0.75
N LEU A 222 -2.51 21.96 -1.88
CA LEU A 222 -1.41 22.53 -2.64
C LEU A 222 -1.11 23.98 -2.21
N HIS A 223 -1.33 24.29 -0.95
CA HIS A 223 -1.11 25.66 -0.46
C HIS A 223 0.24 25.89 0.23
N GLY A 224 0.90 26.99 -0.15
CA GLY A 224 2.18 27.33 0.42
C GLY A 224 3.29 26.56 -0.27
N LEU A 225 3.05 26.22 -1.52
CA LEU A 225 4.01 25.45 -2.29
C LEU A 225 4.37 26.22 -3.57
N GLN A 226 5.67 26.35 -3.83
CA GLN A 226 6.11 27.03 -5.05
C GLN A 226 6.13 25.99 -6.14
N GLN A 227 5.38 26.23 -7.22
CA GLN A 227 5.31 25.27 -8.32
C GLN A 227 5.74 25.87 -9.65
N TYR A 228 6.68 25.20 -10.33
CA TYR A 228 7.16 25.64 -11.64
C TYR A 228 7.38 24.49 -12.62
N TYR A 229 7.31 24.78 -13.90
CA TYR A 229 7.54 23.75 -14.92
C TYR A 229 8.77 24.13 -15.75
N VAL A 230 9.33 23.14 -16.43
CA VAL A 230 10.51 23.35 -17.25
C VAL A 230 10.29 22.60 -18.55
N LYS A 231 10.09 23.32 -19.66
CA LYS A 231 9.89 22.69 -20.96
C LYS A 231 11.21 22.08 -21.45
N LEU A 232 11.16 20.82 -21.88
CA LEU A 232 12.37 20.13 -22.31
C LEU A 232 12.09 18.94 -23.21
N LYS A 233 13.18 18.40 -23.74
CA LYS A 233 13.13 17.20 -24.56
C LYS A 233 13.50 16.11 -23.57
N ASP A 234 13.26 14.86 -23.90
CA ASP A 234 13.62 13.80 -22.96
C ASP A 234 15.14 13.64 -22.90
N ASN A 235 15.81 13.91 -24.03
CA ASN A 235 17.27 13.79 -24.10
C ASN A 235 17.97 15.01 -23.47
N GLU A 236 17.19 15.97 -23.01
CA GLU A 236 17.72 17.18 -22.38
C GLU A 236 17.56 17.14 -20.87
N LYS A 237 16.56 16.41 -20.40
CA LYS A 237 16.27 16.31 -18.97
C LYS A 237 17.45 16.10 -18.01
N ASN A 238 18.28 15.09 -18.24
CA ASN A 238 19.41 14.84 -17.33
C ASN A 238 20.31 16.04 -17.08
N ARG A 239 20.72 16.73 -18.15
CA ARG A 239 21.59 17.88 -17.97
C ARG A 239 20.90 18.99 -17.17
N LYS A 240 19.63 19.23 -17.46
CA LYS A 240 18.84 20.24 -16.77
C LYS A 240 18.70 19.87 -15.32
N LEU A 241 18.40 18.60 -15.07
CA LEU A 241 18.26 18.11 -13.70
C LEU A 241 19.55 18.41 -12.95
N PHE A 242 20.66 17.87 -13.47
CA PHE A 242 21.96 18.06 -12.84
C PHE A 242 22.38 19.52 -12.68
N ASP A 243 22.03 20.37 -13.63
CA ASP A 243 22.38 21.78 -13.52
C ASP A 243 21.57 22.41 -12.38
N LEU A 244 20.33 21.95 -12.21
CA LEU A 244 19.46 22.45 -11.16
C LEU A 244 19.92 21.97 -9.78
N LEU A 245 20.69 20.91 -9.73
CA LEU A 245 21.19 20.39 -8.46
C LEU A 245 22.40 21.18 -7.97
N ASP A 246 23.03 21.93 -8.89
CA ASP A 246 24.20 22.75 -8.58
C ASP A 246 23.79 24.17 -8.20
N VAL A 247 22.66 24.61 -8.75
CA VAL A 247 22.13 25.95 -8.52
C VAL A 247 21.20 26.09 -7.30
N LEU A 248 20.15 25.26 -7.23
CA LEU A 248 19.19 25.32 -6.11
C LEU A 248 19.78 24.85 -4.79
N GLU A 249 19.23 25.35 -3.68
CA GLU A 249 19.70 24.92 -2.37
C GLU A 249 18.69 23.97 -1.76
N PHE A 250 19.19 22.96 -1.07
CA PHE A 250 18.34 21.96 -0.45
C PHE A 250 19.09 21.18 0.61
N ASN A 251 18.39 20.24 1.22
CA ASN A 251 18.97 19.37 2.23
C ASN A 251 18.71 17.97 1.67
N GLN A 252 17.51 17.80 1.11
CA GLN A 252 17.12 16.55 0.50
C GLN A 252 16.12 16.81 -0.62
N VAL A 253 16.17 15.95 -1.63
CA VAL A 253 15.31 16.05 -2.80
C VAL A 253 14.75 14.70 -3.23
N VAL A 254 13.52 14.71 -3.71
CA VAL A 254 12.90 13.49 -4.23
C VAL A 254 12.72 13.81 -5.71
N ILE A 255 12.76 12.78 -6.53
CA ILE A 255 12.60 12.91 -7.97
C ILE A 255 11.64 11.81 -8.39
N PHE A 256 10.71 12.12 -9.27
CA PHE A 256 9.76 11.10 -9.71
C PHE A 256 9.93 10.73 -11.17
N VAL A 257 10.13 9.43 -11.38
CA VAL A 257 10.32 8.86 -12.69
C VAL A 257 9.24 7.81 -12.95
N LYS A 258 8.84 7.65 -14.20
CA LYS A 258 7.81 6.67 -14.54
C LYS A 258 8.21 5.22 -14.21
N SER A 259 8.92 4.59 -15.13
CA SER A 259 9.33 3.18 -14.99
C SER A 259 10.42 2.82 -13.99
N VAL A 260 10.40 1.56 -13.55
CA VAL A 260 11.37 1.02 -12.61
C VAL A 260 12.76 1.15 -13.21
N GLN A 261 12.82 1.01 -14.51
CA GLN A 261 14.08 1.12 -15.22
C GLN A 261 14.66 2.52 -15.14
N ARG A 262 13.88 3.53 -15.55
CA ARG A 262 14.35 4.92 -15.51
C ARG A 262 14.80 5.23 -14.08
N CYS A 263 14.02 4.79 -13.11
CA CYS A 263 14.33 5.02 -11.71
C CYS A 263 15.71 4.51 -11.28
N ILE A 264 16.06 3.31 -11.73
CA ILE A 264 17.36 2.74 -11.37
C ILE A 264 18.53 3.35 -12.14
N ALA A 265 18.30 3.69 -13.41
CA ALA A 265 19.34 4.28 -14.26
C ALA A 265 19.69 5.73 -13.89
N LEU A 266 18.75 6.45 -13.27
CA LEU A 266 19.00 7.84 -12.88
C LEU A 266 19.85 7.94 -11.61
N ALA A 267 19.46 7.22 -10.56
CA ALA A 267 20.20 7.23 -9.30
C ALA A 267 21.62 6.73 -9.57
N GLN A 268 21.73 5.83 -10.53
CA GLN A 268 23.02 5.28 -10.91
C GLN A 268 23.84 6.45 -11.46
N LEU A 269 23.32 7.09 -12.49
CA LEU A 269 24.00 8.20 -13.12
C LEU A 269 24.34 9.29 -12.10
N LEU A 270 23.43 9.51 -11.16
CA LEU A 270 23.62 10.51 -10.11
C LEU A 270 24.79 10.11 -9.23
N VAL A 271 24.95 8.81 -9.01
CA VAL A 271 26.04 8.33 -8.19
C VAL A 271 27.38 8.50 -8.90
N GLU A 272 27.36 8.29 -10.21
CA GLU A 272 28.58 8.42 -11.03
C GLU A 272 29.06 9.85 -11.12
N GLN A 273 28.20 10.80 -10.76
CA GLN A 273 28.55 12.22 -10.79
C GLN A 273 28.72 12.71 -9.36
N ASN A 274 28.90 11.75 -8.45
CA ASN A 274 29.10 12.02 -7.04
C ASN A 274 27.97 12.65 -6.22
N PHE A 275 26.73 12.40 -6.63
CA PHE A 275 25.55 12.89 -5.91
C PHE A 275 25.08 11.76 -4.96
N PRO A 276 24.88 12.08 -3.68
CA PRO A 276 24.44 11.07 -2.71
C PRO A 276 23.00 10.60 -2.95
N ALA A 277 22.77 9.91 -4.06
CA ALA A 277 21.44 9.43 -4.43
C ALA A 277 21.18 7.92 -4.35
N ILE A 278 20.02 7.58 -3.79
CA ILE A 278 19.59 6.20 -3.66
C ILE A 278 18.21 6.04 -4.30
N ALA A 279 17.89 4.86 -4.81
CA ALA A 279 16.61 4.66 -5.48
C ALA A 279 15.63 3.70 -4.78
N ILE A 280 14.36 3.85 -5.13
CA ILE A 280 13.28 3.03 -4.59
C ILE A 280 12.15 2.97 -5.62
N HIS A 281 11.96 1.79 -6.21
CA HIS A 281 10.93 1.58 -7.22
C HIS A 281 9.86 0.57 -6.79
N ARG A 282 8.82 0.45 -7.61
CA ARG A 282 7.69 -0.43 -7.37
C ARG A 282 8.01 -1.92 -7.33
N GLY A 283 9.09 -2.32 -7.99
CA GLY A 283 9.46 -3.73 -8.00
C GLY A 283 10.11 -4.19 -6.71
N MET A 284 10.89 -3.33 -6.06
CA MET A 284 11.56 -3.66 -4.82
C MET A 284 10.62 -4.17 -3.73
N PRO A 285 11.00 -5.25 -3.03
CA PRO A 285 10.18 -5.82 -1.96
C PRO A 285 10.13 -4.83 -0.80
N GLN A 286 9.04 -4.85 -0.04
CA GLN A 286 8.87 -3.91 1.07
C GLN A 286 10.05 -3.80 2.04
N GLU A 287 10.52 -4.92 2.57
CA GLU A 287 11.64 -4.91 3.52
C GLU A 287 12.83 -4.10 3.03
N GLU A 288 12.98 -4.00 1.72
CA GLU A 288 14.08 -3.25 1.10
C GLU A 288 13.74 -1.79 0.91
N ARG A 289 12.47 -1.52 0.63
CA ARG A 289 12.02 -0.15 0.43
C ARG A 289 12.21 0.63 1.72
N LEU A 290 12.09 -0.05 2.85
CA LEU A 290 12.25 0.58 4.14
C LEU A 290 13.72 0.75 4.54
N SER A 291 14.58 -0.08 3.95
CA SER A 291 16.01 -0.02 4.24
C SER A 291 16.58 1.25 3.62
N ARG A 292 16.18 1.48 2.37
CA ARG A 292 16.63 2.64 1.60
C ARG A 292 15.89 3.89 2.04
N TYR A 293 14.66 3.72 2.51
CA TYR A 293 13.89 4.87 2.95
C TYR A 293 14.50 5.37 4.24
N GLN A 294 15.16 4.46 4.95
CA GLN A 294 15.79 4.75 6.24
C GLN A 294 17.05 5.57 6.04
N GLN A 295 17.79 5.27 4.97
CA GLN A 295 19.02 5.98 4.67
C GLN A 295 18.70 7.38 4.13
N PHE A 296 17.42 7.63 3.89
CA PHE A 296 16.97 8.93 3.39
C PHE A 296 16.32 9.72 4.51
N LYS A 297 15.79 9.02 5.50
CA LYS A 297 15.16 9.68 6.63
C LYS A 297 16.30 9.97 7.62
N ASP A 298 17.26 9.05 7.67
CA ASP A 298 18.42 9.15 8.54
C ASP A 298 19.32 10.30 8.07
N PHE A 299 19.04 10.77 6.86
CA PHE A 299 19.79 11.86 6.23
C PHE A 299 21.14 11.34 5.71
N GLN A 300 21.31 10.03 5.73
CA GLN A 300 22.55 9.42 5.26
C GLN A 300 22.72 9.87 3.81
N ARG A 301 21.64 9.74 3.02
CA ARG A 301 21.67 10.15 1.61
C ARG A 301 20.87 11.43 1.41
N ARG A 302 21.18 12.18 0.36
CA ARG A 302 20.50 13.45 0.10
C ARG A 302 19.41 13.50 -0.97
N ILE A 303 19.54 12.67 -2.00
CA ILE A 303 18.57 12.64 -3.09
C ILE A 303 17.85 11.29 -3.16
N LEU A 304 16.55 11.31 -3.38
CA LEU A 304 15.80 10.07 -3.49
C LEU A 304 15.12 9.97 -4.85
N VAL A 305 15.33 8.85 -5.52
CA VAL A 305 14.73 8.63 -6.83
C VAL A 305 13.63 7.57 -6.67
N ALA A 306 12.41 8.05 -6.48
CA ALA A 306 11.27 7.14 -6.29
C ALA A 306 10.40 6.97 -7.53
N THR A 307 9.71 5.84 -7.56
CA THR A 307 8.79 5.49 -8.63
C THR A 307 7.41 5.74 -7.98
N ASN A 308 7.36 5.53 -6.67
CA ASN A 308 6.15 5.71 -5.89
C ASN A 308 6.26 6.82 -4.84
N LEU A 309 5.24 6.92 -3.99
CA LEU A 309 5.23 7.93 -2.95
C LEU A 309 3.91 8.68 -2.89
N ASP A 315 7.06 10.84 5.60
CA ASP A 315 6.20 11.33 6.65
C ASP A 315 6.62 12.74 7.03
N ILE A 316 7.70 12.84 7.81
CA ILE A 316 8.22 14.14 8.26
C ILE A 316 8.41 15.09 7.08
N GLU A 317 9.21 14.63 6.11
CA GLU A 317 9.53 15.39 4.89
C GLU A 317 10.59 16.46 5.09
N ARG A 318 11.85 16.06 5.18
CA ARG A 318 12.94 17.01 5.33
C ARG A 318 13.35 17.44 3.92
N VAL A 319 12.55 16.99 2.96
CA VAL A 319 12.74 17.29 1.54
C VAL A 319 12.26 18.72 1.30
N ASN A 320 13.07 19.48 0.57
CA ASN A 320 12.76 20.88 0.28
C ASN A 320 12.29 21.06 -1.15
N ILE A 321 12.73 20.18 -2.03
CA ILE A 321 12.37 20.25 -3.43
C ILE A 321 11.89 18.90 -3.91
N ALA A 322 10.73 18.90 -4.57
CA ALA A 322 10.16 17.68 -5.12
C ALA A 322 10.20 17.83 -6.64
N PHE A 323 10.63 16.77 -7.32
CA PHE A 323 10.74 16.75 -8.77
C PHE A 323 9.83 15.71 -9.42
N ASN A 324 9.26 16.06 -10.57
CA ASN A 324 8.48 15.13 -11.35
C ASN A 324 9.40 15.03 -12.56
N TYR A 325 10.35 14.11 -12.50
CA TYR A 325 11.30 13.93 -13.60
C TYR A 325 10.53 13.84 -14.90
N ASP A 326 9.43 13.12 -14.85
CA ASP A 326 8.53 12.99 -15.98
C ASP A 326 7.14 13.10 -15.37
N MET A 327 6.27 13.85 -16.05
CA MET A 327 4.90 14.09 -15.62
C MET A 327 4.20 12.90 -14.97
N PRO A 328 3.41 13.15 -13.92
CA PRO A 328 2.67 12.10 -13.21
C PRO A 328 1.40 11.76 -14.00
N GLU A 329 0.94 10.52 -13.88
CA GLU A 329 -0.23 10.02 -14.59
C GLU A 329 -1.46 10.92 -14.67
N ASP A 330 -1.75 11.64 -13.59
CA ASP A 330 -2.92 12.50 -13.57
C ASP A 330 -2.89 13.49 -12.42
N SER A 331 -3.91 14.36 -12.41
CA SER A 331 -4.04 15.41 -11.41
C SER A 331 -3.84 14.94 -9.98
N ASP A 332 -4.53 13.87 -9.60
CA ASP A 332 -4.41 13.37 -8.24
C ASP A 332 -3.02 12.90 -7.85
N THR A 333 -2.38 12.12 -8.73
CA THR A 333 -1.03 11.63 -8.45
C THR A 333 -0.10 12.79 -8.14
N TYR A 334 -0.28 13.88 -8.88
CA TYR A 334 0.51 15.08 -8.70
C TYR A 334 0.31 15.58 -7.28
N LEU A 335 -0.95 15.73 -6.89
CA LEU A 335 -1.31 16.18 -5.57
C LEU A 335 -0.78 15.26 -4.47
N HIS A 336 -0.80 13.95 -4.71
CA HIS A 336 -0.33 12.97 -3.73
C HIS A 336 1.19 12.77 -3.73
N ARG A 337 1.86 13.34 -4.74
CA ARG A 337 3.31 13.27 -4.89
C ARG A 337 4.00 14.47 -4.26
N VAL A 338 3.52 15.66 -4.66
CA VAL A 338 4.08 16.93 -4.24
C VAL A 338 3.64 17.54 -2.91
N ALA A 339 2.33 17.65 -2.70
CA ALA A 339 1.78 18.25 -1.48
C ALA A 339 2.44 17.88 -0.15
N ARG A 340 3.19 18.82 0.43
CA ARG A 340 3.86 18.63 1.71
C ARG A 340 2.86 18.83 2.83
N ALA A 341 2.49 17.74 3.50
CA ALA A 341 1.52 17.81 4.59
C ALA A 341 1.45 16.46 5.28
N GLY A 342 2.58 16.03 5.84
CA GLY A 342 2.63 14.76 6.53
C GLY A 342 2.63 14.97 8.04
N ARG A 343 3.58 15.79 8.50
CA ARG A 343 3.73 16.11 9.92
C ARG A 343 4.12 17.57 10.13
N PHE A 344 5.42 17.82 10.31
CA PHE A 344 5.91 19.17 10.52
C PHE A 344 5.26 20.13 9.53
N GLY A 345 4.96 21.34 9.99
CA GLY A 345 4.33 22.33 9.13
C GLY A 345 5.29 23.30 8.49
N THR A 346 5.39 23.24 7.16
CA THR A 346 6.28 24.13 6.41
C THR A 346 5.81 24.32 4.96
N LYS A 347 6.71 24.87 4.12
CA LYS A 347 6.44 25.12 2.70
C LYS A 347 7.15 24.08 1.85
N GLY A 348 7.48 24.43 0.60
CA GLY A 348 8.17 23.50 -0.27
C GLY A 348 8.42 23.99 -1.69
N LEU A 349 9.06 23.15 -2.51
CA LEU A 349 9.36 23.50 -3.89
C LEU A 349 9.03 22.34 -4.84
N ALA A 350 8.25 22.62 -5.89
CA ALA A 350 7.87 21.59 -6.85
C ALA A 350 8.17 22.00 -8.29
N ILE A 351 9.11 21.31 -8.90
CA ILE A 351 9.50 21.58 -10.27
C ILE A 351 9.11 20.37 -11.09
N THR A 352 8.34 20.60 -12.15
CA THR A 352 7.85 19.53 -13.00
C THR A 352 8.39 19.63 -14.42
N PHE A 353 8.72 18.48 -15.00
CA PHE A 353 9.23 18.44 -16.37
C PHE A 353 8.10 18.08 -17.33
N VAL A 354 8.21 18.54 -18.57
CA VAL A 354 7.21 18.27 -19.60
C VAL A 354 7.91 18.10 -20.94
N SER A 355 7.57 17.04 -21.67
CA SER A 355 8.20 16.77 -22.96
C SER A 355 7.28 16.57 -24.16
N ASP A 356 5.97 16.67 -23.95
CA ASP A 356 5.00 16.50 -25.03
C ASP A 356 3.67 17.11 -24.60
N GLU A 357 2.67 17.06 -25.46
CA GLU A 357 1.37 17.64 -25.11
C GLU A 357 0.61 16.78 -24.11
N ASN A 358 1.00 15.51 -23.98
CA ASN A 358 0.37 14.59 -23.04
C ASN A 358 0.71 15.11 -21.65
N ASP A 359 1.98 15.45 -21.45
CA ASP A 359 2.40 15.98 -20.15
C ASP A 359 1.73 17.33 -19.93
N ALA A 360 1.73 18.16 -20.97
CA ALA A 360 1.11 19.48 -20.91
C ALA A 360 -0.33 19.37 -20.42
N LYS A 361 -1.11 18.51 -21.07
CA LYS A 361 -2.51 18.30 -20.70
C LYS A 361 -2.67 18.02 -19.21
N ILE A 362 -1.81 17.15 -18.69
CA ILE A 362 -1.86 16.77 -17.29
C ILE A 362 -1.57 17.93 -16.35
N LEU A 363 -0.60 18.76 -16.72
CA LEU A 363 -0.24 19.89 -15.88
C LEU A 363 -1.33 20.96 -15.93
N ASN A 364 -2.04 21.04 -17.05
CA ASN A 364 -3.12 22.01 -17.19
C ASN A 364 -4.32 21.62 -16.33
N ASP A 365 -4.55 20.31 -16.17
CA ASP A 365 -5.66 19.85 -15.32
C ASP A 365 -5.33 20.18 -13.88
N VAL A 366 -4.02 20.22 -13.58
CA VAL A 366 -3.54 20.53 -12.25
C VAL A 366 -3.86 21.99 -11.94
N GLN A 367 -3.71 22.85 -12.95
CA GLN A 367 -4.00 24.27 -12.79
C GLN A 367 -5.50 24.52 -12.69
N ASP A 368 -6.30 23.68 -13.33
CA ASP A 368 -7.75 23.82 -13.31
C ASP A 368 -8.37 23.21 -12.05
N ARG A 369 -8.03 21.95 -11.75
CA ARG A 369 -8.57 21.30 -10.55
C ARG A 369 -8.25 22.20 -9.36
N PHE A 370 -6.97 22.29 -9.02
CA PHE A 370 -6.54 23.15 -7.92
C PHE A 370 -6.35 24.47 -8.64
N GLU A 371 -7.16 25.47 -8.32
CA GLU A 371 -7.07 26.76 -8.99
C GLU A 371 -5.77 27.45 -8.61
N VAL A 372 -4.67 26.90 -9.13
CA VAL A 372 -3.35 27.43 -8.86
C VAL A 372 -2.67 27.73 -10.19
N ASN A 373 -1.51 28.36 -10.12
CA ASN A 373 -0.74 28.69 -11.33
C ASN A 373 0.63 28.04 -11.26
N ILE A 374 1.15 27.66 -12.43
CA ILE A 374 2.47 27.06 -12.49
C ILE A 374 3.20 27.63 -13.70
N SER A 375 4.10 28.56 -13.43
CA SER A 375 4.87 29.22 -14.47
C SER A 375 6.16 28.47 -14.73
N GLU A 376 6.83 28.85 -15.81
CA GLU A 376 8.08 28.22 -16.18
C GLU A 376 9.11 28.58 -15.13
N LEU A 377 10.07 27.68 -14.90
CA LEU A 377 11.12 27.92 -13.93
C LEU A 377 11.88 29.15 -14.42
N PRO A 378 12.19 30.08 -13.52
CA PRO A 378 12.91 31.33 -13.85
C PRO A 378 14.43 31.38 -13.68
N ASP A 379 14.85 32.31 -12.81
CA ASP A 379 16.25 32.58 -12.49
C ASP A 379 16.77 33.69 -13.41
N GLU A 380 16.39 34.93 -13.10
CA GLU A 380 16.78 36.10 -13.88
C GLU A 380 18.23 36.53 -13.61
N ILE A 381 18.39 37.51 -12.73
CA ILE A 381 19.70 38.01 -12.34
C ILE A 381 19.88 37.62 -10.87
N ASP A 382 18.81 37.08 -10.32
CA ASP A 382 18.78 36.64 -8.93
C ASP A 382 18.87 35.11 -8.94
N ILE A 383 17.97 34.48 -8.20
CA ILE A 383 17.88 33.03 -8.12
C ILE A 383 16.46 32.69 -7.69
N SER A 384 16.30 32.34 -6.41
CA SER A 384 15.01 32.00 -5.81
C SER A 384 15.30 31.20 -4.55
N SER A 385 15.32 31.89 -3.41
CA SER A 385 15.60 31.24 -2.15
C SER A 385 14.65 31.70 -1.04
N TYR A 386 14.25 32.98 -1.11
CA TYR A 386 13.34 33.59 -0.13
C TYR A 386 13.57 33.16 1.33
#